data_1URX
#
_entry.id   1URX
#
_cell.length_a   51.380
_cell.length_b   51.380
_cell.length_c   205.360
_cell.angle_alpha   90.00
_cell.angle_beta   90.00
_cell.angle_gamma   120.00
#
_symmetry.space_group_name_H-M   'P 32 2 1'
#
loop_
_entity.id
_entity.type
_entity.pdbx_description
1 polymer 'BETA-AGARASE A'
2 branched 3,6-anhydro-alpha-L-galactopyranose-(1-3)-beta-D-galactopyranose-(1-4)-3,6-anhydro-alpha-L-galactopyranose-(1-3)-alpha-D-galactopyranose
3 branched 3,6-anhydro-alpha-L-galactopyranose-(1-3)-beta-D-galactopyranose-(1-4)-3,6-anhydro-alpha-L-galactopyranose-(1-3)-beta-D-galactopyranose-(1-4)-3,6-anhydro-alpha-L-galactopyranose-(1-3)-beta-D-galactopyranose-(1-4)-3,6-anhydro-alpha-L-galactopyranose
4 non-polymer 'CALCIUM ION'
5 water water
#
_entity_poly.entity_id   1
_entity_poly.type   'polypeptide(L)'
_entity_poly.pdbx_seq_one_letter_code
;MDIAQDWNGIPVPANPGNGMTWQLQDNVSDSFNYTSSEGNRPTAFTSKWKPSYINGWTGPGSTIFNAPQAWTNGSQLAIQ
AQPAGNGKSYNGIITSKNKIQYPVYMEIKAKIMDQVLANAFWTLTDDETQSIDIMEGYGSDRGGTWFAQRMHLSHHTFIR
NPFTDYQPMGDATWYYNGGTPWRSAYHRYGCYWKDPFTLEYYIDGVKVRTVTRAEIDPNNHLGGTGLNQATNIIIDCENQ
TDWRPAATQEELADDSKNIFWVDWIRVYKPVAVSLEHHHHHH
;
_entity_poly.pdbx_strand_id   A
#
# COMPACT_ATOMS: atom_id res chain seq x y z
N GLN A 5 9.87 16.56 -10.35
CA GLN A 5 9.04 15.77 -9.38
C GLN A 5 9.43 16.00 -7.91
N ASP A 6 8.51 15.68 -6.99
CA ASP A 6 8.74 15.90 -5.56
C ASP A 6 9.97 15.21 -5.00
N TRP A 7 10.28 14.05 -5.55
CA TRP A 7 11.40 13.24 -5.09
C TRP A 7 12.74 13.56 -5.77
N ASN A 8 12.76 14.60 -6.60
CA ASN A 8 14.01 15.01 -7.22
C ASN A 8 15.13 15.14 -6.20
N GLY A 9 16.25 14.45 -6.44
CA GLY A 9 17.44 14.49 -5.59
C GLY A 9 17.46 13.54 -4.39
N ILE A 10 16.35 12.83 -4.18
CA ILE A 10 16.29 11.80 -3.15
C ILE A 10 16.76 10.49 -3.78
N PRO A 11 17.87 9.91 -3.31
CA PRO A 11 18.38 8.68 -3.93
C PRO A 11 17.39 7.53 -3.78
N VAL A 12 17.44 6.59 -4.71
CA VAL A 12 16.81 5.29 -4.50
C VAL A 12 17.71 4.48 -3.56
N PRO A 13 17.19 4.00 -2.41
CA PRO A 13 18.02 3.37 -1.39
C PRO A 13 18.49 1.93 -1.67
N ALA A 14 17.81 1.25 -2.58
CA ALA A 14 18.16 -0.10 -2.99
C ALA A 14 19.34 -0.08 -3.95
N ASN A 15 20.02 -1.20 -4.00
CA ASN A 15 21.20 -1.40 -4.85
C ASN A 15 20.76 -1.98 -6.20
N PRO A 16 20.96 -1.22 -7.27
CA PRO A 16 20.52 -1.63 -8.61
C PRO A 16 21.47 -2.65 -9.26
N GLY A 17 22.61 -2.89 -8.62
CA GLY A 17 23.63 -3.79 -9.13
C GLY A 17 24.86 -3.01 -9.51
N ASN A 18 26.02 -3.67 -9.57
CA ASN A 18 27.23 -3.04 -10.04
C ASN A 18 27.08 -2.63 -11.49
N GLY A 19 27.56 -1.44 -11.82
CA GLY A 19 27.42 -0.91 -13.17
C GLY A 19 26.00 -0.67 -13.64
N MET A 20 25.10 -0.51 -12.67
CA MET A 20 23.68 -0.25 -12.94
C MET A 20 23.23 1.02 -12.24
N THR A 21 22.14 1.57 -12.75
CA THR A 21 21.44 2.68 -12.12
C THR A 21 19.90 2.49 -12.16
N TRP A 22 19.17 3.41 -11.56
CA TRP A 22 17.70 3.30 -11.51
C TRP A 22 17.06 4.22 -12.50
N GLN A 23 16.01 3.73 -13.13
CA GLN A 23 15.24 4.46 -14.09
C GLN A 23 13.76 4.51 -13.74
N LEU A 24 13.24 5.74 -13.64
CA LEU A 24 11.83 5.97 -13.31
C LEU A 24 10.90 5.32 -14.32
N GLN A 25 9.84 4.67 -13.82
CA GLN A 25 8.71 4.17 -14.63
C GLN A 25 7.60 5.22 -14.59
N ASP A 26 7.49 6.00 -15.66
CA ASP A 26 6.60 7.16 -15.66
C ASP A 26 5.14 6.82 -15.39
N ASN A 27 4.67 5.67 -15.88
CA ASN A 27 3.25 5.40 -15.93
C ASN A 27 2.66 4.86 -14.61
N VAL A 28 3.52 4.71 -13.62
CA VAL A 28 3.08 4.29 -12.29
C VAL A 28 3.69 5.17 -11.22
N SER A 29 4.22 6.34 -11.62
CA SER A 29 4.76 7.31 -10.70
C SER A 29 3.90 8.58 -10.82
N ASP A 30 3.76 9.29 -9.72
CA ASP A 30 2.91 10.49 -9.68
C ASP A 30 3.28 11.34 -8.46
N SER A 31 3.50 12.65 -8.68
CA SER A 31 3.70 13.58 -7.58
C SER A 31 2.35 14.11 -7.05
N PHE A 32 1.27 13.79 -7.74
CA PHE A 32 -0.12 14.15 -7.37
C PHE A 32 -0.29 15.68 -7.21
N ASN A 33 0.52 16.44 -7.95
CA ASN A 33 0.47 17.89 -7.83
C ASN A 33 -0.57 18.49 -8.78
N TYR A 34 -1.81 18.04 -8.59
CA TYR A 34 -2.97 18.51 -9.32
C TYR A 34 -4.21 18.31 -8.47
N THR A 35 -5.26 19.05 -8.80
CA THR A 35 -6.51 18.96 -8.06
C THR A 35 -7.51 18.11 -8.80
N SER A 36 -8.11 17.14 -8.11
CA SER A 36 -9.07 16.26 -8.76
C SER A 36 -10.03 15.62 -7.76
N SER A 37 -11.15 15.12 -8.25
CA SER A 37 -12.19 14.51 -7.43
C SER A 37 -13.26 13.93 -8.34
N GLU A 38 -14.29 13.29 -7.76
CA GLU A 38 -15.46 12.83 -8.52
C GLU A 38 -16.01 14.02 -9.35
N GLY A 39 -16.19 13.79 -10.65
CA GLY A 39 -16.63 14.83 -11.58
C GLY A 39 -15.57 15.80 -12.08
N ASN A 40 -14.32 15.60 -11.66
CA ASN A 40 -13.17 16.46 -12.00
C ASN A 40 -11.93 15.56 -12.00
N ARG A 41 -11.93 14.59 -12.91
CA ARG A 41 -10.84 13.63 -13.03
C ARG A 41 -10.03 13.97 -14.28
N PRO A 42 -8.87 14.60 -14.10
CA PRO A 42 -8.04 15.02 -15.25
C PRO A 42 -7.21 13.85 -15.82
N THR A 43 -6.64 14.05 -17.02
CA THR A 43 -5.77 13.06 -17.63
C THR A 43 -4.58 12.68 -16.79
N ALA A 44 -4.01 13.63 -16.04
CA ALA A 44 -2.86 13.39 -15.16
C ALA A 44 -3.17 12.28 -14.17
N PHE A 45 -4.43 12.15 -13.81
CA PHE A 45 -4.91 11.07 -12.96
C PHE A 45 -5.40 9.85 -13.78
N THR A 46 -6.30 10.04 -14.73
CA THR A 46 -7.02 8.89 -15.35
C THR A 46 -6.15 8.07 -16.30
N SER A 47 -5.06 8.64 -16.70
CA SER A 47 -4.09 7.92 -17.55
C SER A 47 -3.40 6.84 -16.74
N LYS A 48 -3.33 7.03 -15.42
CA LYS A 48 -2.53 6.12 -14.57
C LYS A 48 -3.32 5.37 -13.53
N TRP A 49 -4.43 5.93 -13.08
CA TRP A 49 -5.13 5.41 -11.89
C TRP A 49 -6.63 5.34 -12.11
N LYS A 50 -7.29 4.43 -11.40
CA LYS A 50 -8.73 4.44 -11.27
C LYS A 50 -9.09 4.40 -9.79
N PRO A 51 -10.16 5.05 -9.37
CA PRO A 51 -10.50 5.09 -7.94
C PRO A 51 -11.35 3.91 -7.47
N SER A 52 -10.91 2.72 -7.83
CA SER A 52 -11.65 1.51 -7.54
C SER A 52 -10.70 0.37 -7.41
N TYR A 53 -11.23 -0.71 -6.84
CA TYR A 53 -10.50 -1.97 -6.70
C TYR A 53 -10.31 -2.58 -8.07
N ILE A 54 -9.53 -3.67 -8.16
CA ILE A 54 -9.19 -4.26 -9.48
C ILE A 54 -10.37 -4.97 -10.14
N ASN A 55 -11.41 -5.23 -9.37
CA ASN A 55 -12.64 -5.85 -9.86
C ASN A 55 -13.80 -5.32 -8.97
N GLY A 56 -14.97 -5.96 -9.07
CA GLY A 56 -16.19 -5.54 -8.38
C GLY A 56 -16.26 -5.69 -6.86
N TRP A 57 -15.28 -6.38 -6.24
CA TRP A 57 -15.30 -6.58 -4.79
C TRP A 57 -15.27 -5.22 -4.10
N THR A 58 -16.06 -5.07 -3.04
CA THR A 58 -16.14 -3.79 -2.31
C THR A 58 -15.34 -3.77 -1.01
N GLY A 59 -14.57 -4.82 -0.72
CA GLY A 59 -13.65 -4.77 0.42
C GLY A 59 -14.01 -5.73 1.55
N PRO A 60 -13.09 -5.91 2.49
CA PRO A 60 -13.30 -6.89 3.56
C PRO A 60 -14.06 -6.29 4.74
N GLY A 61 -14.76 -7.14 5.49
CA GLY A 61 -15.28 -6.74 6.78
C GLY A 61 -16.33 -5.66 6.61
N SER A 62 -16.03 -4.50 7.19
CA SER A 62 -16.95 -3.35 7.22
C SER A 62 -16.59 -2.26 6.20
N THR A 63 -15.75 -2.63 5.23
CA THR A 63 -15.27 -1.76 4.17
C THR A 63 -16.30 -1.68 3.09
N ILE A 64 -16.46 -0.48 2.53
CA ILE A 64 -17.17 -0.30 1.27
C ILE A 64 -16.36 0.61 0.36
N PHE A 65 -15.61 0.01 -0.54
CA PHE A 65 -14.83 0.80 -1.46
C PHE A 65 -15.76 1.72 -2.27
N ASN A 66 -15.35 2.96 -2.48
CA ASN A 66 -16.24 3.98 -3.02
C ASN A 66 -15.44 5.08 -3.71
N ALA A 67 -15.73 5.34 -5.00
CA ALA A 67 -14.90 6.21 -5.81
C ALA A 67 -14.69 7.64 -5.32
N PRO A 68 -15.73 8.27 -4.77
CA PRO A 68 -15.57 9.65 -4.28
C PRO A 68 -14.51 9.82 -3.20
N GLN A 69 -14.17 8.75 -2.47
CA GLN A 69 -13.23 8.89 -1.39
C GLN A 69 -11.76 8.81 -1.82
N ALA A 70 -11.49 8.77 -3.13
CA ALA A 70 -10.16 9.03 -3.63
C ALA A 70 -10.19 10.38 -4.36
N TRP A 71 -9.29 11.26 -4.00
CA TRP A 71 -9.18 12.61 -4.61
C TRP A 71 -7.83 13.24 -4.38
N THR A 72 -7.48 14.34 -5.08
CA THR A 72 -6.22 15.04 -4.86
C THR A 72 -6.44 16.53 -4.67
N ASN A 73 -5.53 17.18 -3.94
CA ASN A 73 -5.76 18.56 -3.46
C ASN A 73 -4.76 19.58 -4.00
N GLY A 74 -4.08 19.24 -5.07
CA GLY A 74 -3.08 20.10 -5.67
C GLY A 74 -1.67 19.75 -5.29
N SER A 75 -1.48 18.94 -4.25
CA SER A 75 -0.16 18.49 -3.85
C SER A 75 -0.14 17.01 -3.39
N GLN A 76 -1.26 16.49 -2.88
CA GLN A 76 -1.31 15.12 -2.34
C GLN A 76 -2.57 14.37 -2.74
N LEU A 77 -2.45 13.05 -2.79
CA LEU A 77 -3.56 12.14 -2.90
C LEU A 77 -4.14 11.96 -1.50
N ALA A 78 -5.47 12.07 -1.42
CA ALA A 78 -6.27 11.73 -0.26
C ALA A 78 -6.96 10.40 -0.49
N ILE A 79 -6.66 9.43 0.36
CA ILE A 79 -7.42 8.19 0.48
C ILE A 79 -8.23 8.37 1.75
N GLN A 80 -9.53 8.63 1.60
CA GLN A 80 -10.37 9.03 2.71
C GLN A 80 -11.35 7.97 3.12
N ALA A 81 -11.75 8.02 4.39
CA ALA A 81 -12.86 7.21 4.88
C ALA A 81 -14.03 8.10 5.25
N GLN A 82 -15.23 7.52 5.16
CA GLN A 82 -16.46 8.23 5.57
C GLN A 82 -17.41 7.29 6.28
N PRO A 83 -18.33 7.84 7.05
CA PRO A 83 -19.38 7.01 7.66
C PRO A 83 -20.28 6.46 6.60
N ALA A 84 -20.62 5.18 6.69
CA ALA A 84 -21.61 4.58 5.78
C ALA A 84 -22.88 4.13 6.50
N GLY A 85 -22.92 4.31 7.82
CA GLY A 85 -24.04 3.81 8.61
C GLY A 85 -23.94 2.32 8.81
N ASN A 86 -24.77 1.77 9.71
CA ASN A 86 -24.84 0.32 9.93
C ASN A 86 -23.47 -0.27 10.30
N GLY A 87 -22.65 0.50 11.03
CA GLY A 87 -21.36 0.07 11.51
C GLY A 87 -20.26 0.00 10.45
N LYS A 88 -20.55 0.53 9.26
CA LYS A 88 -19.61 0.40 8.12
C LYS A 88 -19.02 1.76 7.73
N SER A 89 -18.03 1.73 6.84
CA SER A 89 -17.41 2.90 6.29
C SER A 89 -17.47 2.83 4.75
N TYR A 90 -17.39 3.98 4.13
CA TYR A 90 -17.01 4.13 2.73
C TYR A 90 -15.51 4.35 2.73
N ASN A 91 -14.79 3.78 1.76
CA ASN A 91 -13.33 3.72 1.80
C ASN A 91 -12.68 4.02 0.47
N GLY A 92 -11.73 4.93 0.50
CA GLY A 92 -11.01 5.29 -0.69
C GLY A 92 -10.02 4.21 -1.10
N ILE A 93 -9.77 4.16 -2.40
CA ILE A 93 -8.86 3.23 -3.01
C ILE A 93 -8.52 3.77 -4.41
N ILE A 94 -7.24 3.64 -4.78
CA ILE A 94 -6.88 3.68 -6.20
C ILE A 94 -6.12 2.44 -6.60
N THR A 95 -6.24 2.10 -7.87
CA THR A 95 -5.43 1.02 -8.44
C THR A 95 -4.81 1.46 -9.76
N SER A 96 -3.65 0.90 -10.09
CA SER A 96 -2.95 1.25 -11.33
C SER A 96 -3.62 0.69 -12.59
N LYS A 97 -3.58 1.49 -13.65
CA LYS A 97 -4.10 1.05 -14.95
C LYS A 97 -3.02 0.28 -15.69
N ASN A 98 -1.80 0.36 -15.19
CA ASN A 98 -0.64 -0.35 -15.77
C ASN A 98 -0.06 -1.34 -14.78
N LYS A 99 0.47 -2.44 -15.30
CA LYS A 99 1.12 -3.48 -14.50
C LYS A 99 2.59 -3.19 -14.27
N ILE A 100 3.15 -3.77 -13.20
CA ILE A 100 4.58 -3.79 -12.94
C ILE A 100 5.03 -5.22 -12.67
N GLN A 101 6.33 -5.46 -12.76
CA GLN A 101 6.89 -6.80 -12.53
C GLN A 101 8.33 -6.63 -12.07
N TYR A 102 8.81 -7.54 -11.21
CA TYR A 102 10.22 -7.57 -10.79
C TYR A 102 11.12 -7.54 -12.04
N PRO A 103 12.31 -6.99 -11.93
CA PRO A 103 12.80 -6.26 -10.75
C PRO A 103 12.24 -4.84 -10.76
N VAL A 104 11.81 -4.38 -9.60
CA VAL A 104 11.12 -3.08 -9.49
C VAL A 104 11.22 -2.56 -8.07
N TYR A 105 11.53 -1.27 -7.95
CA TYR A 105 11.57 -0.57 -6.68
C TYR A 105 10.35 0.35 -6.66
N MET A 106 9.58 0.27 -5.59
CA MET A 106 8.37 1.08 -5.48
C MET A 106 8.30 1.75 -4.11
N GLU A 107 7.93 3.01 -4.07
CA GLU A 107 8.02 3.76 -2.82
C GLU A 107 6.97 4.89 -2.80
N ILE A 108 6.34 5.10 -1.64
CA ILE A 108 5.46 6.26 -1.46
C ILE A 108 6.00 7.09 -0.29
N LYS A 109 5.70 8.38 -0.28
CA LYS A 109 5.81 9.21 0.92
C LYS A 109 4.37 9.46 1.40
N ALA A 110 4.04 9.04 2.62
CA ALA A 110 2.66 9.02 3.08
C ALA A 110 2.55 9.15 4.57
N LYS A 111 1.38 9.58 5.02
CA LYS A 111 1.06 9.73 6.45
C LYS A 111 -0.25 9.00 6.74
N ILE A 112 -0.19 7.95 7.54
CA ILE A 112 -1.39 7.19 7.82
C ILE A 112 -2.37 7.93 8.72
N MET A 113 -3.65 7.53 8.64
CA MET A 113 -4.73 8.14 9.41
C MET A 113 -4.58 7.87 10.88
N ASP A 114 -5.14 8.75 11.70
CA ASP A 114 -5.38 8.42 13.09
C ASP A 114 -6.76 7.73 13.20
N GLN A 115 -6.82 6.49 12.71
CA GLN A 115 -8.04 5.67 12.75
C GLN A 115 -7.64 4.24 13.08
N VAL A 116 -8.61 3.41 13.44
CA VAL A 116 -8.36 1.98 13.60
C VAL A 116 -8.29 1.25 12.24
N LEU A 117 -8.71 1.95 11.19
CA LEU A 117 -8.65 1.44 9.82
C LEU A 117 -7.25 1.09 9.39
N ALA A 118 -7.12 0.03 8.59
CA ALA A 118 -5.89 -0.18 7.86
C ALA A 118 -5.66 0.88 6.76
N ASN A 119 -4.40 1.26 6.57
CA ASN A 119 -3.99 2.05 5.41
C ASN A 119 -2.83 1.26 4.74
N ALA A 120 -2.93 0.97 3.46
CA ALA A 120 -1.97 0.11 2.82
C ALA A 120 -1.54 0.57 1.41
N PHE A 121 -0.33 0.15 1.07
CA PHE A 121 0.29 0.32 -0.24
C PHE A 121 0.74 -1.10 -0.58
N TRP A 122 0.17 -1.66 -1.65
CA TRP A 122 0.32 -3.08 -1.91
C TRP A 122 0.12 -3.43 -3.36
N THR A 123 0.52 -4.65 -3.75
CA THR A 123 0.21 -5.15 -5.07
C THR A 123 -0.73 -6.35 -4.98
N LEU A 124 -1.45 -6.60 -6.07
CA LEU A 124 -2.31 -7.77 -6.17
C LEU A 124 -2.53 -8.09 -7.64
N THR A 125 -2.31 -9.35 -7.98
CA THR A 125 -2.48 -9.82 -9.37
C THR A 125 -3.96 -9.90 -9.72
N ASP A 126 -4.25 -9.87 -11.01
CA ASP A 126 -5.63 -10.03 -11.46
C ASP A 126 -6.28 -11.31 -10.94
N ASP A 127 -5.53 -12.41 -10.84
CA ASP A 127 -6.06 -13.69 -10.36
C ASP A 127 -6.11 -13.78 -8.88
N GLU A 128 -5.62 -12.72 -8.22
CA GLU A 128 -5.70 -12.57 -6.77
C GLU A 128 -4.89 -13.61 -6.00
N THR A 129 -3.88 -14.23 -6.64
CA THR A 129 -3.06 -15.20 -5.91
C THR A 129 -1.78 -14.66 -5.30
N GLN A 130 -1.33 -13.49 -5.73
CA GLN A 130 -0.02 -12.96 -5.32
C GLN A 130 -0.16 -11.53 -4.86
N SER A 131 0.32 -11.25 -3.66
CA SER A 131 0.28 -9.89 -3.11
C SER A 131 1.56 -9.51 -2.36
N ILE A 132 2.03 -8.27 -2.56
CA ILE A 132 3.10 -7.69 -1.74
C ILE A 132 2.54 -6.51 -0.95
N ASP A 133 2.74 -6.51 0.35
CA ASP A 133 2.36 -5.36 1.17
C ASP A 133 3.58 -4.53 1.48
N ILE A 134 3.79 -3.48 0.70
CA ILE A 134 4.93 -2.61 0.96
C ILE A 134 4.81 -2.01 2.36
N MET A 135 3.60 -1.59 2.67
CA MET A 135 3.28 -1.20 4.04
C MET A 135 1.80 -1.41 4.31
N GLU A 136 1.47 -1.63 5.58
CA GLU A 136 0.09 -1.78 6.05
C GLU A 136 0.11 -1.29 7.49
N GLY A 137 -0.48 -0.11 7.72
CA GLY A 137 -0.45 0.56 9.02
C GLY A 137 -1.82 0.75 9.63
N TYR A 138 -1.84 0.91 10.95
CA TYR A 138 -3.06 1.04 11.74
C TYR A 138 -2.79 2.17 12.75
N GLY A 139 -3.29 3.36 12.48
CA GLY A 139 -2.76 4.55 13.13
C GLY A 139 -3.22 4.84 14.56
N SER A 140 -4.44 4.49 14.88
CA SER A 140 -5.04 4.97 16.16
C SER A 140 -4.58 4.15 17.37
N ASP A 141 -4.31 4.82 18.49
CA ASP A 141 -4.08 4.10 19.74
C ASP A 141 -5.30 3.29 20.21
N ARG A 142 -6.51 3.59 19.72
CA ARG A 142 -7.68 2.78 20.09
C ARG A 142 -7.59 1.36 19.55
N GLY A 143 -6.79 1.15 18.50
CA GLY A 143 -6.49 -0.19 18.05
C GLY A 143 -5.39 -0.93 18.79
N GLY A 144 -4.89 -0.36 19.89
CA GLY A 144 -3.73 -0.87 20.61
C GLY A 144 -2.49 -0.10 20.29
N THR A 145 -1.79 0.43 21.32
CA THR A 145 -0.51 1.11 21.09
C THR A 145 0.50 0.22 20.39
N TRP A 146 0.41 -1.10 20.60
CA TRP A 146 1.37 -2.03 20.00
C TRP A 146 1.27 -1.90 18.46
N PHE A 147 0.05 -1.83 17.96
CA PHE A 147 -0.25 -1.67 16.51
C PHE A 147 0.03 -0.23 16.02
N ALA A 148 -0.41 0.78 16.79
CA ALA A 148 -0.17 2.17 16.41
C ALA A 148 1.32 2.46 16.21
N GLN A 149 2.17 1.71 16.93
CA GLN A 149 3.60 1.95 16.93
C GLN A 149 4.37 0.99 15.98
N ARG A 150 3.64 0.20 15.18
CA ARG A 150 4.29 -0.73 14.28
C ARG A 150 3.75 -0.64 12.85
N MET A 151 4.63 -0.91 11.91
CA MET A 151 4.27 -0.96 10.50
C MET A 151 4.39 -2.38 10.00
N HIS A 152 3.31 -2.88 9.39
CA HIS A 152 3.30 -4.24 8.89
C HIS A 152 3.95 -4.29 7.49
N LEU A 153 4.92 -5.20 7.36
CA LEU A 153 5.71 -5.41 6.15
C LEU A 153 5.55 -6.86 5.80
N SER A 154 4.82 -7.13 4.74
CA SER A 154 4.45 -8.53 4.48
C SER A 154 4.14 -8.81 3.00
N HIS A 155 3.66 -10.00 2.72
CA HIS A 155 3.22 -10.39 1.38
C HIS A 155 2.29 -11.59 1.59
N HIS A 156 1.49 -11.93 0.58
CA HIS A 156 0.59 -13.09 0.64
C HIS A 156 0.65 -13.94 -0.60
N THR A 157 0.45 -15.24 -0.39
CA THR A 157 0.17 -16.16 -1.46
C THR A 157 -1.16 -16.83 -1.15
N PHE A 158 -2.02 -16.94 -2.15
CA PHE A 158 -3.35 -17.45 -1.95
C PHE A 158 -3.67 -18.61 -2.90
N ILE A 159 -4.50 -19.52 -2.38
CA ILE A 159 -5.38 -20.34 -3.19
C ILE A 159 -6.77 -19.71 -3.08
N ARG A 160 -7.44 -19.50 -4.22
CA ARG A 160 -8.72 -18.80 -4.21
C ARG A 160 -9.90 -19.67 -3.76
N ASN A 161 -9.85 -20.94 -4.13
CA ASN A 161 -10.95 -21.85 -3.87
C ASN A 161 -10.44 -23.27 -3.65
N PRO A 162 -10.45 -23.71 -2.40
CA PRO A 162 -11.00 -22.95 -1.29
C PRO A 162 -10.04 -21.86 -0.82
N PHE A 163 -10.59 -20.77 -0.29
CA PHE A 163 -9.77 -19.61 0.11
C PHE A 163 -8.76 -20.03 1.16
N THR A 164 -7.48 -19.82 0.84
CA THR A 164 -6.37 -20.14 1.73
C THR A 164 -5.30 -19.06 1.63
N ASP A 165 -4.94 -18.47 2.76
CA ASP A 165 -4.10 -17.29 2.83
C ASP A 165 -2.83 -17.57 3.61
N TYR A 166 -1.66 -17.49 2.95
CA TYR A 166 -0.36 -17.50 3.63
C TYR A 166 0.25 -16.10 3.62
N GLN A 167 0.74 -15.67 4.76
CA GLN A 167 1.74 -14.61 4.85
C GLN A 167 2.77 -15.01 5.89
N PRO A 168 3.98 -14.49 5.78
CA PRO A 168 4.95 -14.68 6.88
C PRO A 168 4.43 -14.05 8.15
N MET A 169 4.70 -14.73 9.28
CA MET A 169 4.19 -14.30 10.59
C MET A 169 5.26 -14.09 11.65
N GLY A 170 6.52 -14.12 11.25
CA GLY A 170 7.63 -13.80 12.13
C GLY A 170 7.54 -12.42 12.74
N ASP A 171 8.17 -12.22 13.90
CA ASP A 171 8.14 -10.94 14.58
C ASP A 171 8.70 -9.79 13.72
N ALA A 172 9.61 -10.12 12.81
CA ALA A 172 10.20 -9.08 11.95
C ALA A 172 9.22 -8.51 10.93
N THR A 173 8.01 -9.08 10.83
CA THR A 173 7.01 -8.53 9.91
C THR A 173 6.28 -7.30 10.43
N TRP A 174 6.48 -6.97 11.71
CA TRP A 174 5.97 -5.73 12.29
C TRP A 174 7.15 -4.90 12.79
N TYR A 175 7.38 -3.77 12.13
CA TYR A 175 8.55 -2.92 12.34
C TYR A 175 8.27 -1.77 13.30
N TYR A 176 9.09 -1.69 14.35
CA TYR A 176 8.91 -0.73 15.44
C TYR A 176 9.91 0.42 15.26
N ASN A 177 9.49 1.62 15.60
CA ASN A 177 10.28 2.85 15.48
C ASN A 177 10.38 3.57 16.84
N GLY A 178 10.82 2.83 17.84
CA GLY A 178 11.09 3.37 19.18
C GLY A 178 9.90 3.88 19.99
N GLY A 179 8.71 3.55 19.54
CA GLY A 179 7.48 3.95 20.19
C GLY A 179 6.83 5.16 19.55
N THR A 180 7.50 5.81 18.59
CA THR A 180 6.86 6.89 17.84
C THR A 180 5.72 6.29 17.02
N PRO A 181 4.49 6.77 17.17
CA PRO A 181 3.41 6.25 16.33
C PRO A 181 3.54 6.71 14.90
N TRP A 182 3.20 5.81 13.97
CA TRP A 182 3.36 6.09 12.54
C TRP A 182 2.43 7.18 12.01
N ARG A 183 1.35 7.45 12.74
CA ARG A 183 0.39 8.50 12.40
C ARG A 183 0.97 9.91 12.53
N SER A 184 2.12 10.03 13.21
CA SER A 184 2.61 11.36 13.58
C SER A 184 3.33 12.12 12.49
N ALA A 185 3.75 11.43 11.43
CA ALA A 185 4.52 12.07 10.37
C ALA A 185 4.40 11.36 9.05
N TYR A 186 4.77 12.08 7.98
CA TYR A 186 5.05 11.45 6.71
C TYR A 186 6.33 10.62 6.82
N HIS A 187 6.27 9.43 6.25
CA HIS A 187 7.42 8.58 6.04
C HIS A 187 7.48 8.06 4.62
N ARG A 188 8.67 7.62 4.22
CA ARG A 188 8.88 6.95 2.95
C ARG A 188 8.85 5.44 3.17
N TYR A 189 7.92 4.78 2.49
CA TYR A 189 7.70 3.33 2.59
C TYR A 189 8.01 2.73 1.23
N GLY A 190 9.06 1.92 1.15
CA GLY A 190 9.54 1.38 -0.09
C GLY A 190 9.81 -0.11 -0.03
N CYS A 191 9.80 -0.72 -1.20
CA CYS A 191 10.13 -2.14 -1.32
C CYS A 191 10.80 -2.40 -2.67
N TYR A 192 11.91 -3.13 -2.64
CA TYR A 192 12.52 -3.65 -3.86
C TYR A 192 12.04 -5.07 -4.01
N TRP A 193 11.18 -5.26 -4.97
CA TRP A 193 10.77 -6.58 -5.44
C TRP A 193 11.81 -7.00 -6.49
N LYS A 194 12.85 -7.66 -6.03
CA LYS A 194 14.02 -7.90 -6.87
C LYS A 194 13.83 -9.09 -7.84
N ASP A 195 13.23 -10.14 -7.33
CA ASP A 195 12.92 -11.32 -8.13
C ASP A 195 11.81 -12.07 -7.43
N PRO A 196 11.28 -13.14 -8.00
CA PRO A 196 10.14 -13.86 -7.39
C PRO A 196 10.35 -14.37 -5.97
N PHE A 197 11.60 -14.41 -5.51
CA PHE A 197 11.94 -14.93 -4.20
C PHE A 197 12.63 -13.95 -3.28
N THR A 198 12.68 -12.67 -3.64
CA THR A 198 13.46 -11.69 -2.89
C THR A 198 12.77 -10.33 -2.77
N LEU A 199 12.49 -9.92 -1.54
CA LEU A 199 11.86 -8.65 -1.22
C LEU A 199 12.71 -7.93 -0.19
N GLU A 200 12.98 -6.65 -0.41
CA GLU A 200 13.66 -5.82 0.58
C GLU A 200 12.81 -4.61 0.90
N TYR A 201 12.62 -4.30 2.18
CA TYR A 201 11.82 -3.18 2.61
C TYR A 201 12.67 -2.04 3.14
N TYR A 202 12.27 -0.81 2.82
CA TYR A 202 13.00 0.41 3.11
C TYR A 202 12.07 1.41 3.75
N ILE A 203 12.40 1.95 4.92
CA ILE A 203 11.60 2.99 5.55
C ILE A 203 12.51 4.22 5.70
N ASP A 204 12.08 5.36 5.21
CA ASP A 204 12.90 6.57 5.24
C ASP A 204 14.31 6.36 4.65
N GLY A 205 14.38 5.59 3.59
CA GLY A 205 15.60 5.36 2.84
C GLY A 205 16.58 4.39 3.47
N VAL A 206 16.12 3.65 4.49
CA VAL A 206 16.93 2.68 5.21
C VAL A 206 16.35 1.28 5.05
N LYS A 207 17.18 0.32 4.63
CA LYS A 207 16.74 -1.06 4.57
C LYS A 207 16.46 -1.60 5.97
N VAL A 208 15.21 -2.03 6.19
CA VAL A 208 14.80 -2.54 7.49
C VAL A 208 14.50 -4.05 7.52
N ARG A 209 14.25 -4.66 6.36
CA ARG A 209 13.96 -6.09 6.31
C ARG A 209 14.20 -6.68 4.94
N THR A 210 14.74 -7.90 4.91
CA THR A 210 14.90 -8.69 3.71
C THR A 210 14.16 -10.04 3.92
N VAL A 211 13.33 -10.39 2.95
CA VAL A 211 12.66 -11.66 2.86
C VAL A 211 13.29 -12.46 1.73
N THR A 212 13.69 -13.68 2.05
CA THR A 212 14.26 -14.57 1.06
C THR A 212 13.40 -15.83 0.89
N ARG A 213 13.91 -16.74 0.06
CA ARG A 213 13.10 -17.74 -0.60
C ARG A 213 12.28 -18.56 0.36
N ALA A 214 12.86 -18.95 1.51
CA ALA A 214 12.17 -19.90 2.40
C ALA A 214 10.84 -19.34 2.93
N GLU A 215 10.78 -18.02 3.07
CA GLU A 215 9.55 -17.37 3.59
C GLU A 215 8.56 -16.95 2.51
N ILE A 216 8.92 -17.10 1.23
CA ILE A 216 8.07 -16.60 0.18
C ILE A 216 6.81 -17.43 0.04
N ASP A 217 6.93 -18.74 -0.03
CA ASP A 217 5.77 -19.58 -0.28
C ASP A 217 5.97 -21.00 0.29
N PRO A 218 6.18 -21.11 1.60
CA PRO A 218 6.49 -22.41 2.20
C PRO A 218 5.38 -23.45 2.07
N ASN A 219 4.14 -23.01 1.94
CA ASN A 219 3.00 -23.92 1.77
C ASN A 219 2.67 -24.25 0.32
N ASN A 220 3.46 -23.71 -0.60
CA ASN A 220 3.38 -24.02 -2.00
C ASN A 220 2.03 -23.67 -2.64
N HIS A 221 1.45 -22.52 -2.28
CA HIS A 221 0.22 -22.08 -2.94
C HIS A 221 0.41 -21.75 -4.40
N LEU A 222 1.63 -21.38 -4.78
CA LEU A 222 1.92 -20.91 -6.12
C LEU A 222 2.63 -21.96 -6.95
N GLY A 223 2.85 -23.14 -6.38
CA GLY A 223 3.43 -24.24 -7.15
C GLY A 223 4.89 -24.06 -7.49
N GLY A 224 5.62 -23.23 -6.76
CA GLY A 224 7.05 -23.08 -6.95
C GLY A 224 7.55 -21.88 -7.72
N THR A 225 6.61 -21.08 -8.22
CA THR A 225 6.90 -19.89 -9.04
C THR A 225 7.39 -18.67 -8.23
N GLY A 226 7.05 -18.64 -6.95
CA GLY A 226 7.26 -17.44 -6.16
C GLY A 226 6.42 -16.28 -6.71
N LEU A 227 6.77 -15.07 -6.27
CA LEU A 227 6.06 -13.84 -6.66
C LEU A 227 6.50 -13.39 -8.04
N ASN A 228 6.00 -14.07 -9.07
CA ASN A 228 6.55 -13.92 -10.41
C ASN A 228 5.65 -13.21 -11.42
N GLN A 229 4.40 -12.95 -11.06
CA GLN A 229 3.47 -12.38 -12.02
C GLN A 229 3.53 -10.86 -12.09
N ALA A 230 3.31 -10.31 -13.28
CA ALA A 230 2.97 -8.91 -13.47
C ALA A 230 1.71 -8.64 -12.66
N THR A 231 1.67 -7.47 -12.04
CA THR A 231 0.70 -7.19 -11.02
C THR A 231 0.27 -5.69 -10.99
N ASN A 232 -0.84 -5.46 -10.28
CA ASN A 232 -1.41 -4.12 -10.10
C ASN A 232 -0.95 -3.48 -8.79
N ILE A 233 -0.79 -2.17 -8.84
CA ILE A 233 -0.53 -1.36 -7.64
C ILE A 233 -1.86 -0.93 -7.04
N ILE A 234 -1.95 -1.02 -5.71
CA ILE A 234 -3.12 -0.57 -4.93
C ILE A 234 -2.67 0.33 -3.78
N ILE A 235 -3.39 1.44 -3.59
CA ILE A 235 -3.30 2.22 -2.35
C ILE A 235 -4.71 2.37 -1.80
N ASP A 236 -4.96 1.93 -0.57
CA ASP A 236 -6.35 1.95 -0.05
C ASP A 236 -6.41 2.08 1.47
N CYS A 237 -7.64 2.13 1.96
CA CYS A 237 -7.89 2.01 3.38
C CYS A 237 -9.01 1.00 3.56
N GLU A 238 -8.99 0.28 4.68
CA GLU A 238 -9.92 -0.82 4.90
C GLU A 238 -10.38 -0.86 6.36
N ASN A 239 -11.64 -1.23 6.56
CA ASN A 239 -12.24 -1.42 7.91
C ASN A 239 -12.26 -2.94 8.21
N GLN A 240 -11.14 -3.46 8.73
CA GLN A 240 -10.88 -4.87 8.74
C GLN A 240 -11.46 -5.53 9.96
N THR A 241 -12.79 -5.51 10.05
CA THR A 241 -13.47 -5.96 11.25
C THR A 241 -13.51 -7.45 11.45
N ASP A 242 -12.97 -8.23 10.51
CA ASP A 242 -12.75 -9.66 10.81
C ASP A 242 -11.76 -9.88 11.96
N TRP A 243 -10.88 -8.90 12.22
CA TRP A 243 -9.94 -9.01 13.31
C TRP A 243 -9.65 -7.69 14.07
N ARG A 244 -10.17 -6.54 13.60
CA ARG A 244 -9.93 -5.26 14.23
C ARG A 244 -11.22 -4.72 14.80
N PRO A 245 -11.12 -3.85 15.79
CA PRO A 245 -12.33 -3.13 16.24
C PRO A 245 -12.88 -2.26 15.15
N ALA A 246 -14.21 -2.16 15.06
CA ALA A 246 -14.80 -1.27 14.05
C ALA A 246 -14.55 0.19 14.37
N ALA A 247 -14.36 0.98 13.32
CA ALA A 247 -14.28 2.43 13.49
C ALA A 247 -15.64 2.92 13.96
N THR A 248 -15.68 3.91 14.84
CA THR A 248 -16.98 4.52 15.17
C THR A 248 -17.37 5.44 14.03
N GLN A 249 -18.67 5.69 13.87
CA GLN A 249 -19.13 6.58 12.83
C GLN A 249 -18.58 7.99 12.98
N GLU A 250 -18.50 8.51 14.22
CA GLU A 250 -17.94 9.83 14.42
C GLU A 250 -16.45 9.92 14.02
N GLU A 251 -15.68 8.87 14.28
CA GLU A 251 -14.26 8.84 13.87
C GLU A 251 -14.19 8.98 12.35
N LEU A 252 -15.03 8.24 11.68
CA LEU A 252 -15.09 8.26 10.22
C LEU A 252 -15.53 9.60 9.65
N ALA A 253 -16.32 10.36 10.44
CA ALA A 253 -16.79 11.68 10.03
C ALA A 253 -15.78 12.82 10.24
N ASP A 254 -14.78 12.57 11.07
CA ASP A 254 -13.82 13.57 11.47
C ASP A 254 -12.73 13.77 10.43
N ASP A 255 -12.89 14.80 9.60
CA ASP A 255 -11.93 14.97 8.50
C ASP A 255 -10.54 15.51 8.85
N SER A 256 -10.31 15.78 10.13
CA SER A 256 -8.97 16.01 10.61
C SER A 256 -8.19 14.72 10.85
N LYS A 257 -8.87 13.58 10.75
CA LYS A 257 -8.31 12.28 11.09
C LYS A 257 -8.60 11.16 10.11
N ASN A 258 -9.46 11.40 9.12
CA ASN A 258 -9.98 10.31 8.27
C ASN A 258 -9.35 10.25 6.88
N ILE A 259 -8.17 10.88 6.72
CA ILE A 259 -7.47 10.88 5.42
C ILE A 259 -6.06 10.28 5.55
N PHE A 260 -5.82 9.29 4.70
CA PHE A 260 -4.49 8.70 4.44
C PHE A 260 -3.88 9.52 3.32
N TRP A 261 -2.86 10.31 3.64
CA TRP A 261 -2.26 11.29 2.69
C TRP A 261 -1.04 10.65 2.02
N VAL A 262 -0.98 10.71 0.71
CA VAL A 262 0.15 10.24 -0.09
C VAL A 262 0.66 11.43 -0.91
N ASP A 263 1.83 11.95 -0.54
CA ASP A 263 2.45 13.05 -1.28
C ASP A 263 2.91 12.65 -2.66
N TRP A 264 3.40 11.42 -2.80
CA TRP A 264 3.88 10.94 -4.07
C TRP A 264 4.11 9.46 -4.06
N ILE A 265 4.14 8.90 -5.27
CA ILE A 265 4.53 7.49 -5.49
C ILE A 265 5.60 7.52 -6.58
N ARG A 266 6.67 6.74 -6.41
CA ARG A 266 7.67 6.62 -7.48
C ARG A 266 8.09 5.18 -7.64
N VAL A 267 8.31 4.78 -8.88
CA VAL A 267 8.62 3.38 -9.25
C VAL A 267 9.82 3.39 -10.20
N TYR A 268 10.80 2.52 -9.97
CA TYR A 268 12.01 2.46 -10.81
C TYR A 268 12.35 1.01 -11.14
N LYS A 269 13.06 0.84 -12.25
CA LYS A 269 13.66 -0.45 -12.61
C LYS A 269 15.17 -0.25 -12.83
N PRO A 270 15.95 -1.28 -12.57
CA PRO A 270 17.41 -1.22 -12.73
C PRO A 270 17.82 -1.35 -14.20
N VAL A 271 18.78 -0.50 -14.59
CA VAL A 271 19.27 -0.43 -15.98
C VAL A 271 20.79 -0.17 -15.99
N ALA A 272 21.44 -0.54 -17.08
CA ALA A 272 22.89 -0.39 -17.20
C ALA A 272 23.30 1.07 -17.33
#